data_5WVC
#
_entry.id   5WVC
#
_cell.length_a   190.110
_cell.length_b   190.110
_cell.length_c   68.828
_cell.angle_alpha   90.00
_cell.angle_beta   90.00
_cell.angle_gamma   120.00
#
_symmetry.space_group_name_H-M   'P 61'
#
loop_
_entity.id
_entity.type
_entity.pdbx_description
1 polymer 'Apoptotic protease-activating factor 1'
2 polymer Caspase
3 non-polymer 'IODIDE ION'
#
loop_
_entity_poly.entity_id
_entity_poly.type
_entity_poly.pdbx_seq_one_letter_code
_entity_poly.pdbx_strand_id
1 'polypeptide(L)'
;MDAKARNCLLQHREALEKDIKTSYIMDHMISDGFLTISEEEKVRNEPTQQQRAAMLIKMILKKDNDSYVSFYNALLHEGY
KDLAALLHDGIPVVS
;
C,A,E
2 'polypeptide(L)'
;MGSSHHHHHHSSGLVPRGSHMASMDEADRRLLRR(CSO)RLRLVEELQVDQLWDVLLSRELFRPHMIEDIQRAGSGSRRD
QARQLIIDLETRGSQALPLFISCLEDTGQDMLASFLRTNRQAAKLSKPTLENLTPVVLRPEIRKPEVLRPETPRP
;
D,B,F
#
loop_
_chem_comp.id
_chem_comp.type
_chem_comp.name
_chem_comp.formula
IOD non-polymer 'IODIDE ION' 'I -1'
#
# COMPACT_ATOMS: atom_id res chain seq x y z
N MET A 1 -24.29 17.44 2.70
CA MET A 1 -23.92 18.84 2.85
C MET A 1 -24.82 19.76 2.03
N ASP A 2 -24.57 21.06 2.12
CA ASP A 2 -25.35 22.04 1.39
C ASP A 2 -25.11 21.97 -0.12
N ALA A 3 -26.06 22.50 -0.88
CA ALA A 3 -25.99 22.49 -2.34
C ALA A 3 -24.77 23.26 -2.84
N LYS A 4 -24.59 24.47 -2.33
CA LYS A 4 -23.49 25.33 -2.75
C LYS A 4 -22.13 24.67 -2.52
N ALA A 5 -21.97 24.09 -1.34
CA ALA A 5 -20.72 23.40 -0.98
C ALA A 5 -20.47 22.21 -1.89
N ARG A 6 -21.46 21.33 -1.99
CA ARG A 6 -21.38 20.14 -2.84
C ARG A 6 -21.01 20.50 -4.27
N ASN A 7 -21.66 21.54 -4.79
CA ASN A 7 -21.39 22.04 -6.13
C ASN A 7 -19.97 22.55 -6.28
N CYS A 8 -19.48 23.27 -5.27
CA CYS A 8 -18.10 23.75 -5.28
C CYS A 8 -17.11 22.57 -5.35
N LEU A 9 -17.30 21.62 -4.44
CA LEU A 9 -16.45 20.44 -4.35
C LEU A 9 -16.42 19.67 -5.66
N LEU A 10 -17.59 19.47 -6.25
CA LEU A 10 -17.69 18.80 -7.55
C LEU A 10 -16.95 19.59 -8.62
N GLN A 11 -17.16 20.91 -8.61
CA GLN A 11 -16.59 21.80 -9.61
C GLN A 11 -15.08 21.84 -9.54
N HIS A 12 -14.51 21.46 -8.39
CA HIS A 12 -13.06 21.43 -8.25
C HIS A 12 -12.51 20.03 -7.96
N ARG A 13 -13.34 19.02 -8.19
CA ARG A 13 -13.00 17.63 -7.88
C ARG A 13 -11.73 17.15 -8.57
N GLU A 14 -11.60 17.43 -9.87
CA GLU A 14 -10.47 16.94 -10.63
C GLU A 14 -9.18 17.71 -10.32
N ALA A 15 -9.33 19.03 -10.13
CA ALA A 15 -8.21 19.87 -9.71
C ALA A 15 -7.64 19.33 -8.40
N LEU A 16 -8.54 18.95 -7.49
CA LEU A 16 -8.14 18.32 -6.24
C LEU A 16 -7.44 16.98 -6.48
N GLU A 17 -8.06 16.13 -7.29
CA GLU A 17 -7.57 14.77 -7.51
C GLU A 17 -6.21 14.72 -8.20
N LYS A 18 -5.88 15.76 -8.95
CA LYS A 18 -4.59 15.80 -9.64
C LYS A 18 -3.43 16.02 -8.66
N ASP A 19 -3.71 16.71 -7.56
CA ASP A 19 -2.64 17.17 -6.66
C ASP A 19 -2.60 16.48 -5.30
N ILE A 20 -3.71 16.49 -4.57
CA ILE A 20 -3.71 16.10 -3.16
C ILE A 20 -3.22 14.68 -2.91
N LYS A 21 -2.62 14.48 -1.74
CA LYS A 21 -2.19 13.16 -1.30
C LYS A 21 -2.98 12.77 -0.06
N THR A 22 -3.81 11.74 -0.19
CA THR A 22 -4.76 11.37 0.84
C THR A 22 -4.12 11.04 2.18
N SER A 23 -2.94 10.43 2.15
CA SER A 23 -2.23 10.05 3.37
C SER A 23 -2.13 11.21 4.36
N TYR A 24 -1.88 12.41 3.84
CA TYR A 24 -1.73 13.60 4.66
C TYR A 24 -3.07 14.14 5.16
N ILE A 25 -4.03 14.27 4.25
CA ILE A 25 -5.34 14.86 4.54
C ILE A 25 -6.16 14.02 5.52
N MET A 26 -6.16 12.71 5.31
CA MET A 26 -6.98 11.80 6.07
C MET A 26 -6.61 11.79 7.55
N ASP A 27 -5.35 12.06 7.87
CA ASP A 27 -4.94 12.16 9.27
C ASP A 27 -5.73 13.26 9.97
N HIS A 28 -5.75 14.43 9.33
CA HIS A 28 -6.50 15.57 9.84
C HIS A 28 -7.99 15.27 9.95
N MET A 29 -8.57 14.71 8.89
CA MET A 29 -10.00 14.43 8.90
C MET A 29 -10.39 13.35 9.91
N ILE A 30 -9.46 12.43 10.18
CA ILE A 30 -9.65 11.40 11.21
C ILE A 30 -9.63 12.04 12.58
N SER A 31 -8.65 12.92 12.78
CA SER A 31 -8.51 13.65 14.05
C SER A 31 -9.75 14.47 14.38
N ASP A 32 -10.24 15.21 13.39
CA ASP A 32 -11.44 16.03 13.57
C ASP A 32 -12.67 15.18 13.85
N GLY A 33 -12.64 13.93 13.39
CA GLY A 33 -13.72 12.99 13.65
C GLY A 33 -14.83 13.03 12.62
N PHE A 34 -14.49 13.41 11.40
CA PHE A 34 -15.47 13.43 10.31
C PHE A 34 -15.05 12.44 9.21
N LEU A 35 -14.33 11.41 9.63
CA LEU A 35 -13.86 10.37 8.72
C LEU A 35 -13.56 9.12 9.54
N THR A 36 -14.09 7.97 9.10
CA THR A 36 -13.98 6.76 9.91
C THR A 36 -12.86 5.83 9.42
N ILE A 37 -12.48 4.90 10.28
CA ILE A 37 -11.43 3.92 9.98
C ILE A 37 -11.78 3.10 8.74
N SER A 38 -13.05 2.73 8.62
CA SER A 38 -13.53 1.95 7.48
C SER A 38 -13.39 2.73 6.17
N GLU A 39 -13.89 3.96 6.16
CA GLU A 39 -13.78 4.82 4.99
C GLU A 39 -12.32 5.04 4.60
N GLU A 40 -11.48 5.22 5.62
CA GLU A 40 -10.05 5.39 5.41
C GLU A 40 -9.44 4.16 4.75
N GLU A 41 -9.87 2.99 5.19
CA GLU A 41 -9.39 1.74 4.62
C GLU A 41 -9.84 1.60 3.17
N LYS A 42 -11.09 1.99 2.90
CA LYS A 42 -11.65 1.91 1.56
C LYS A 42 -10.89 2.82 0.60
N VAL A 43 -10.48 3.99 1.09
CA VAL A 43 -9.67 4.88 0.27
C VAL A 43 -8.26 4.32 0.06
N ARG A 44 -7.66 3.84 1.14
CA ARG A 44 -6.27 3.37 1.11
C ARG A 44 -6.09 2.16 0.18
N ASN A 45 -7.17 1.44 -0.08
CA ASN A 45 -7.11 0.26 -0.95
C ASN A 45 -6.88 0.60 -2.43
N GLU A 46 -7.22 1.83 -2.81
CA GLU A 46 -7.04 2.28 -4.19
C GLU A 46 -5.56 2.28 -4.59
N PRO A 47 -5.27 1.99 -5.87
CA PRO A 47 -3.89 1.81 -6.35
C PRO A 47 -3.20 3.06 -6.88
N THR A 48 -3.83 4.23 -6.79
CA THR A 48 -3.24 5.45 -7.35
C THR A 48 -3.57 6.69 -6.51
N GLN A 49 -2.66 7.65 -6.49
CA GLN A 49 -2.90 8.95 -5.87
C GLN A 49 -4.23 9.54 -6.32
N GLN A 50 -4.40 9.57 -7.64
CA GLN A 50 -5.62 10.08 -8.26
C GLN A 50 -6.84 9.32 -7.79
N GLN A 51 -6.78 7.99 -7.87
CA GLN A 51 -7.91 7.13 -7.50
C GLN A 51 -8.25 7.25 -6.02
N ARG A 52 -7.22 7.31 -5.17
CA ARG A 52 -7.42 7.48 -3.73
C ARG A 52 -8.12 8.80 -3.44
N ALA A 53 -7.61 9.88 -4.02
CA ALA A 53 -8.23 11.19 -3.86
C ALA A 53 -9.69 11.16 -4.29
N ALA A 54 -9.94 10.47 -5.41
CA ALA A 54 -11.27 10.34 -5.96
C ALA A 54 -12.22 9.62 -5.00
N MET A 55 -11.75 8.52 -4.43
CA MET A 55 -12.57 7.77 -3.47
C MET A 55 -12.83 8.61 -2.22
N LEU A 56 -11.82 9.35 -1.79
CA LEU A 56 -11.96 10.23 -0.63
C LEU A 56 -13.06 11.26 -0.84
N ILE A 57 -12.99 11.97 -1.96
CA ILE A 57 -14.00 12.98 -2.28
C ILE A 57 -15.37 12.34 -2.47
N LYS A 58 -15.40 11.14 -3.03
CA LYS A 58 -16.64 10.38 -3.15
C LYS A 58 -17.27 10.14 -1.78
N MET A 59 -16.42 9.81 -0.81
CA MET A 59 -16.87 9.63 0.57
C MET A 59 -17.41 10.93 1.15
N ILE A 60 -16.67 12.01 0.95
CA ILE A 60 -17.00 13.30 1.54
C ILE A 60 -18.29 13.90 0.98
N LEU A 61 -18.56 13.66 -0.30
CA LEU A 61 -19.75 14.22 -0.94
C LEU A 61 -21.05 13.73 -0.29
N LYS A 62 -21.02 12.57 0.33
CA LYS A 62 -22.20 12.02 1.00
C LYS A 62 -22.26 12.46 2.45
N LYS A 63 -21.46 13.46 2.82
CA LYS A 63 -21.38 13.89 4.21
C LYS A 63 -21.93 15.31 4.41
N ASP A 64 -21.91 15.77 5.65
CA ASP A 64 -22.48 17.07 6.01
C ASP A 64 -21.48 18.21 5.86
N ASN A 65 -21.95 19.43 6.14
CA ASN A 65 -21.13 20.63 6.00
C ASN A 65 -19.85 20.59 6.82
N ASP A 66 -19.97 20.11 8.06
CA ASP A 66 -18.84 20.02 8.96
C ASP A 66 -17.70 19.19 8.36
N SER A 67 -18.06 18.12 7.67
CA SER A 67 -17.08 17.27 7.00
C SER A 67 -16.37 18.04 5.89
N TYR A 68 -17.13 18.84 5.15
CA TYR A 68 -16.57 19.69 4.11
C TYR A 68 -15.53 20.63 4.71
N VAL A 69 -15.91 21.32 5.79
CA VAL A 69 -15.02 22.27 6.45
C VAL A 69 -13.76 21.58 6.97
N SER A 70 -13.94 20.36 7.49
CA SER A 70 -12.82 19.55 7.95
C SER A 70 -11.84 19.28 6.81
N PHE A 71 -12.39 18.89 5.66
CA PHE A 71 -11.59 18.65 4.46
C PHE A 71 -10.82 19.90 4.05
N TYR A 72 -11.52 21.04 4.10
CA TYR A 72 -10.93 22.33 3.77
C TYR A 72 -9.72 22.66 4.65
N ASN A 73 -9.92 22.64 5.97
CA ASN A 73 -8.85 22.93 6.90
C ASN A 73 -7.72 21.91 6.80
N ALA A 74 -8.07 20.69 6.42
CA ALA A 74 -7.08 19.64 6.20
C ALA A 74 -6.18 20.02 5.02
N LEU A 75 -6.79 20.54 3.95
CA LEU A 75 -6.02 21.06 2.83
C LEU A 75 -5.14 22.21 3.25
N LEU A 76 -5.71 23.13 4.04
CA LEU A 76 -5.00 24.31 4.49
C LEU A 76 -3.74 23.98 5.30
N HIS A 77 -3.88 23.07 6.25
CA HIS A 77 -2.78 22.75 7.15
C HIS A 77 -1.65 22.00 6.46
N GLU A 78 -1.95 21.35 5.33
CA GLU A 78 -0.96 20.53 4.65
C GLU A 78 -0.29 21.25 3.47
N GLY A 79 -0.54 22.55 3.34
CA GLY A 79 0.15 23.35 2.34
C GLY A 79 -0.55 23.47 1.00
N TYR A 80 -1.68 22.79 0.85
CA TYR A 80 -2.48 22.91 -0.37
C TYR A 80 -3.30 24.19 -0.33
N LYS A 81 -2.61 25.32 -0.36
CA LYS A 81 -3.23 26.63 -0.19
C LYS A 81 -4.17 27.00 -1.34
N ASP A 82 -3.73 26.74 -2.56
CA ASP A 82 -4.51 27.10 -3.75
C ASP A 82 -5.85 26.36 -3.80
N LEU A 83 -5.80 25.05 -3.59
CA LEU A 83 -7.00 24.22 -3.62
C LEU A 83 -7.95 24.64 -2.50
N ALA A 84 -7.39 25.03 -1.36
CA ALA A 84 -8.17 25.54 -0.24
C ALA A 84 -8.88 26.82 -0.64
N ALA A 85 -8.15 27.71 -1.33
CA ALA A 85 -8.74 28.93 -1.85
C ALA A 85 -9.89 28.62 -2.80
N LEU A 86 -9.73 27.56 -3.59
CA LEU A 86 -10.77 27.12 -4.51
C LEU A 86 -12.02 26.67 -3.76
N LEU A 87 -11.84 25.86 -2.72
CA LEU A 87 -12.97 25.36 -1.95
C LEU A 87 -13.57 26.40 -0.99
N HIS A 88 -12.88 27.53 -0.86
CA HIS A 88 -13.26 28.53 0.13
C HIS A 88 -14.60 29.22 -0.13
N ASP A 89 -14.87 29.57 -1.39
CA ASP A 89 -16.07 30.30 -1.74
C ASP A 89 -17.35 29.53 -1.41
N GLY A 90 -17.24 28.20 -1.42
CA GLY A 90 -18.39 27.34 -1.15
C GLY A 90 -18.42 26.82 0.27
N ILE A 91 -17.83 27.57 1.20
CA ILE A 91 -17.88 27.21 2.62
C ILE A 91 -19.18 27.71 3.24
N PRO A 92 -20.00 26.78 3.77
CA PRO A 92 -21.28 27.11 4.39
C PRO A 92 -21.12 28.05 5.59
N VAL A 93 -21.69 29.24 5.50
CA VAL A 93 -21.56 30.23 6.57
C VAL A 93 -22.47 29.90 7.74
N VAL A 94 -22.21 30.54 8.87
CA VAL A 94 -23.00 30.35 10.07
C VAL A 94 -23.84 31.60 10.34
N SER A 95 -25.14 31.42 10.57
CA SER A 95 -26.02 32.55 10.83
C SER A 95 -26.35 32.66 12.32
N ALA B 22 -15.45 -7.95 25.97
CA ALA B 22 -14.49 -6.98 26.48
C ALA B 22 -13.60 -6.44 25.36
N SER B 23 -14.23 -5.92 24.32
CA SER B 23 -13.51 -5.28 23.22
C SER B 23 -13.10 -3.87 23.64
N MET B 24 -12.23 -3.25 22.85
CA MET B 24 -11.74 -1.91 23.17
C MET B 24 -12.87 -0.88 23.16
N ASP B 25 -13.06 -0.22 24.31
CA ASP B 25 -14.16 0.72 24.48
C ASP B 25 -14.02 1.92 23.56
N GLU B 26 -15.15 2.57 23.27
CA GLU B 26 -15.20 3.66 22.30
C GLU B 26 -14.46 4.91 22.76
N ALA B 27 -14.27 5.05 24.08
CA ALA B 27 -13.52 6.19 24.60
C ALA B 27 -12.05 6.08 24.21
N ASP B 28 -11.50 4.88 24.33
CA ASP B 28 -10.11 4.62 23.94
C ASP B 28 -9.92 4.81 22.44
N ARG B 29 -10.88 4.34 21.65
CA ARG B 29 -10.83 4.49 20.20
C ARG B 29 -10.87 5.96 19.81
N ARG B 30 -11.83 6.68 20.39
CA ARG B 30 -11.93 8.13 20.22
C ARG B 30 -10.61 8.81 20.55
N LEU B 31 -9.95 8.31 21.61
CA LEU B 31 -8.67 8.87 22.04
C LEU B 31 -7.59 8.64 20.98
N LEU B 32 -7.49 7.41 20.48
CA LEU B 32 -6.50 7.07 19.47
C LEU B 32 -6.73 7.84 18.17
N ARG B 33 -8.00 8.17 17.89
CA ARG B 33 -8.34 8.86 16.66
C ARG B 33 -8.14 10.37 16.75
N ARG B 34 -8.58 10.98 17.85
CA ARG B 34 -8.42 12.43 18.04
C ARG B 34 -6.95 12.84 18.03
N CSO B 35 -6.11 12.06 18.70
CA CSO B 35 -4.69 12.35 18.74
CB CSO B 35 -4.14 12.22 20.16
SG CSO B 35 -4.85 13.53 21.19
C CSO B 35 -3.88 11.51 17.75
O CSO B 35 -2.82 10.98 18.07
OD CSO B 35 -5.95 12.89 22.44
N ARG B 36 -4.41 11.40 16.53
CA ARG B 36 -3.76 10.68 15.44
C ARG B 36 -2.51 11.42 14.95
N LEU B 37 -2.65 12.72 14.71
CA LEU B 37 -1.54 13.56 14.26
C LEU B 37 -0.37 13.51 15.23
N ARG B 38 -0.67 13.77 16.50
CA ARG B 38 0.32 13.73 17.57
C ARG B 38 1.10 12.42 17.58
N LEU B 39 0.35 11.31 17.52
CA LEU B 39 0.95 9.99 17.54
C LEU B 39 1.88 9.76 16.36
N VAL B 40 1.37 9.92 15.14
CA VAL B 40 2.16 9.65 13.95
C VAL B 40 3.34 10.62 13.80
N GLU B 41 3.28 11.75 14.48
CA GLU B 41 4.39 12.70 14.45
C GLU B 41 5.46 12.36 15.47
N GLU B 42 5.05 11.97 16.68
CA GLU B 42 6.00 11.80 17.78
C GLU B 42 6.45 10.35 18.04
N LEU B 43 5.60 9.39 17.68
CA LEU B 43 5.84 7.99 18.01
C LEU B 43 7.18 7.47 17.48
N GLN B 44 7.90 6.74 18.33
CA GLN B 44 9.16 6.11 17.93
C GLN B 44 8.99 4.60 17.85
N VAL B 45 8.70 4.12 16.65
CA VAL B 45 8.36 2.71 16.44
C VAL B 45 9.58 1.80 16.37
N ASP B 46 10.76 2.39 16.33
CA ASP B 46 12.00 1.64 16.13
C ASP B 46 12.23 0.57 17.19
N GLN B 47 12.53 1.01 18.41
CA GLN B 47 12.76 0.07 19.51
C GLN B 47 11.45 -0.47 20.07
N LEU B 48 10.35 -0.04 19.49
CA LEU B 48 9.02 -0.37 20.00
C LEU B 48 8.55 -1.77 19.60
N TRP B 49 9.02 -2.27 18.47
CA TRP B 49 8.56 -3.56 17.94
C TRP B 49 8.79 -4.71 18.93
N ASP B 50 10.04 -4.88 19.34
CA ASP B 50 10.42 -5.93 20.29
C ASP B 50 9.57 -5.89 21.54
N VAL B 51 9.36 -4.69 22.08
CA VAL B 51 8.56 -4.49 23.28
C VAL B 51 7.09 -4.87 23.03
N LEU B 52 6.58 -4.49 21.86
CA LEU B 52 5.22 -4.82 21.45
C LEU B 52 5.03 -6.33 21.45
N LEU B 53 6.04 -7.06 21.00
CA LEU B 53 5.97 -8.51 20.99
C LEU B 53 6.10 -9.11 22.39
N SER B 54 7.07 -8.62 23.16
CA SER B 54 7.37 -9.18 24.47
C SER B 54 6.31 -8.81 25.53
N ARG B 55 5.31 -8.06 25.11
CA ARG B 55 4.13 -7.82 25.95
C ARG B 55 2.91 -8.47 25.31
N GLU B 56 3.15 -9.18 24.21
CA GLU B 56 2.12 -9.92 23.50
C GLU B 56 0.94 -9.06 23.04
N LEU B 57 1.25 -7.84 22.59
CA LEU B 57 0.22 -6.98 22.00
C LEU B 57 -0.09 -7.47 20.58
N PHE B 58 0.94 -7.93 19.88
CA PHE B 58 0.78 -8.51 18.56
C PHE B 58 1.59 -9.79 18.41
N ARG B 59 1.13 -10.66 17.53
CA ARG B 59 1.93 -11.79 17.08
C ARG B 59 3.01 -11.27 16.13
N PRO B 60 4.12 -12.01 15.98
CA PRO B 60 5.24 -11.57 15.14
C PRO B 60 4.86 -11.18 13.71
N HIS B 61 4.09 -12.04 13.02
CA HIS B 61 3.74 -11.78 11.63
C HIS B 61 2.87 -10.53 11.51
N MET B 62 2.13 -10.23 12.56
CA MET B 62 1.34 -9.01 12.61
C MET B 62 2.27 -7.80 12.64
N ILE B 63 3.34 -7.92 13.41
CA ILE B 63 4.35 -6.87 13.49
C ILE B 63 5.01 -6.65 12.13
N GLU B 64 5.44 -7.74 11.49
CA GLU B 64 6.10 -7.60 10.20
C GLU B 64 5.13 -7.11 9.12
N ASP B 65 3.84 -7.36 9.31
CA ASP B 65 2.82 -6.82 8.41
C ASP B 65 2.67 -5.32 8.60
N ILE B 66 2.64 -4.89 9.86
CA ILE B 66 2.51 -3.46 10.19
C ILE B 66 3.75 -2.68 9.72
N GLN B 67 4.90 -3.34 9.76
CA GLN B 67 6.16 -2.68 9.39
C GLN B 67 6.26 -2.31 7.92
N ARG B 68 5.56 -3.05 7.05
CA ARG B 68 5.66 -2.81 5.62
C ARG B 68 4.43 -2.07 5.07
N ALA B 69 3.65 -1.47 5.97
CA ALA B 69 2.49 -0.70 5.55
C ALA B 69 2.92 0.64 4.97
N GLY B 70 2.31 1.04 3.85
CA GLY B 70 2.63 2.29 3.21
C GLY B 70 4.01 2.31 2.61
N SER B 71 4.71 3.43 2.76
CA SER B 71 6.05 3.58 2.20
C SER B 71 7.12 2.98 3.11
N GLY B 72 6.71 2.52 4.28
CA GLY B 72 7.63 1.96 5.24
C GLY B 72 8.24 3.02 6.14
N SER B 73 7.84 4.27 5.93
CA SER B 73 8.31 5.38 6.76
C SER B 73 7.84 5.21 8.20
N ARG B 74 8.51 5.89 9.11
CA ARG B 74 8.13 5.86 10.52
C ARG B 74 6.69 6.29 10.70
N ARG B 75 6.29 7.31 9.94
CA ARG B 75 4.96 7.87 10.00
C ARG B 75 3.88 6.85 9.62
N ASP B 76 4.10 6.16 8.50
CA ASP B 76 3.15 5.17 8.01
C ASP B 76 3.06 3.98 8.97
N GLN B 77 4.21 3.48 9.40
CA GLN B 77 4.27 2.38 10.35
C GLN B 77 3.49 2.72 11.62
N ALA B 78 3.73 3.92 12.13
CA ALA B 78 3.03 4.40 13.31
C ALA B 78 1.52 4.45 13.08
N ARG B 79 1.13 4.97 11.92
CA ARG B 79 -0.28 5.06 11.55
C ARG B 79 -0.96 3.69 11.60
N GLN B 80 -0.38 2.72 10.90
CA GLN B 80 -0.95 1.38 10.86
C GLN B 80 -0.94 0.74 12.25
N LEU B 81 0.06 1.09 13.05
CA LEU B 81 0.16 0.58 14.40
C LEU B 81 -1.03 1.03 15.26
N ILE B 82 -1.26 2.34 15.31
CA ILE B 82 -2.33 2.86 16.15
C ILE B 82 -3.71 2.62 15.51
N ILE B 83 -3.72 2.21 14.24
CA ILE B 83 -4.97 1.80 13.61
C ILE B 83 -5.34 0.38 14.02
N ASP B 84 -4.38 -0.54 13.88
CA ASP B 84 -4.62 -1.94 14.19
C ASP B 84 -4.65 -2.22 15.68
N LEU B 85 -4.19 -1.25 16.47
CA LEU B 85 -4.18 -1.38 17.93
C LEU B 85 -5.60 -1.49 18.49
N GLU B 86 -6.55 -0.87 17.80
CA GLU B 86 -7.95 -0.84 18.25
C GLU B 86 -8.59 -2.23 18.31
N THR B 87 -7.97 -3.20 17.66
CA THR B 87 -8.56 -4.53 17.53
C THR B 87 -7.97 -5.53 18.52
N ARG B 88 -7.10 -5.06 19.40
CA ARG B 88 -6.31 -5.96 20.24
C ARG B 88 -6.94 -6.26 21.60
N GLY B 89 -8.02 -5.57 21.93
CA GLY B 89 -8.73 -5.84 23.17
C GLY B 89 -8.98 -4.63 24.04
N SER B 90 -9.57 -4.87 25.21
CA SER B 90 -9.95 -3.80 26.12
C SER B 90 -8.74 -3.06 26.68
N GLN B 91 -7.74 -3.82 27.12
CA GLN B 91 -6.56 -3.24 27.76
C GLN B 91 -5.44 -3.00 26.75
N ALA B 92 -5.80 -2.88 25.48
CA ALA B 92 -4.81 -2.67 24.42
C ALA B 92 -4.12 -1.31 24.58
N LEU B 93 -4.90 -0.29 24.87
CA LEU B 93 -4.35 1.06 25.01
C LEU B 93 -3.44 1.22 26.25
N PRO B 94 -3.88 0.75 27.43
CA PRO B 94 -2.95 0.84 28.56
C PRO B 94 -1.66 0.06 28.33
N LEU B 95 -1.78 -1.12 27.74
CA LEU B 95 -0.63 -1.94 27.39
C LEU B 95 0.32 -1.19 26.46
N PHE B 96 -0.26 -0.53 25.47
CA PHE B 96 0.52 0.25 24.51
C PHE B 96 1.24 1.40 25.19
N ILE B 97 0.57 2.06 26.12
CA ILE B 97 1.18 3.14 26.88
C ILE B 97 2.35 2.61 27.70
N SER B 98 2.16 1.44 28.30
CA SER B 98 3.24 0.77 29.03
C SER B 98 4.42 0.50 28.10
N CYS B 99 4.13 0.11 26.88
CA CYS B 99 5.16 -0.10 25.87
C CYS B 99 5.91 1.20 25.60
N LEU B 100 5.18 2.30 25.51
CA LEU B 100 5.78 3.61 25.28
C LEU B 100 6.69 4.00 26.44
N GLU B 101 6.31 3.61 27.65
CA GLU B 101 7.12 3.90 28.82
C GLU B 101 8.36 3.01 28.88
N ASP B 102 8.25 1.81 28.33
CA ASP B 102 9.37 0.87 28.31
C ASP B 102 10.50 1.35 27.38
N THR B 103 10.13 2.01 26.29
CA THR B 103 11.09 2.47 25.30
C THR B 103 11.62 3.87 25.61
N GLY B 104 11.15 4.45 26.70
CA GLY B 104 11.65 5.74 27.15
C GLY B 104 10.95 6.94 26.54
N GLN B 105 9.78 6.72 25.95
CA GLN B 105 8.99 7.80 25.38
C GLN B 105 8.02 8.35 26.42
N ASP B 106 8.58 9.03 27.43
CA ASP B 106 7.83 9.43 28.61
C ASP B 106 6.84 10.57 28.38
N MET B 107 7.23 11.54 27.56
CA MET B 107 6.36 12.69 27.26
C MET B 107 5.04 12.24 26.66
N LEU B 108 5.15 11.46 25.59
CA LEU B 108 3.99 10.95 24.86
C LEU B 108 3.10 10.08 25.74
N ALA B 109 3.74 9.17 26.49
CA ALA B 109 3.01 8.26 27.38
C ALA B 109 2.25 9.03 28.46
N SER B 110 2.91 10.05 29.01
CA SER B 110 2.28 10.91 30.01
C SER B 110 1.08 11.63 29.40
N PHE B 111 1.24 12.10 28.17
CA PHE B 111 0.15 12.73 27.44
C PHE B 111 -1.05 11.78 27.33
N LEU B 112 -0.78 10.56 26.89
CA LEU B 112 -1.84 9.56 26.70
C LEU B 112 -2.54 9.18 27.99
N ARG B 113 -1.78 8.98 29.07
CA ARG B 113 -2.39 8.64 30.36
C ARG B 113 -3.22 9.81 30.88
N THR B 114 -2.70 11.02 30.73
CA THR B 114 -3.40 12.22 31.16
C THR B 114 -4.74 12.34 30.46
N ASN B 115 -4.75 12.17 29.14
CA ASN B 115 -6.00 12.31 28.39
C ASN B 115 -6.96 11.13 28.55
N ARG B 116 -6.43 9.93 28.78
CA ARG B 116 -7.28 8.76 29.00
C ARG B 116 -8.00 8.88 30.34
N GLN B 117 -7.24 9.25 31.37
CA GLN B 117 -7.81 9.48 32.69
C GLN B 117 -8.79 10.65 32.67
N ALA B 118 -8.40 11.72 31.98
CA ALA B 118 -9.27 12.89 31.85
C ALA B 118 -10.59 12.51 31.18
N ALA B 119 -10.50 11.64 30.18
CA ALA B 119 -11.68 11.21 29.43
C ALA B 119 -12.60 10.33 30.28
N LYS B 120 -12.05 9.29 30.92
CA LYS B 120 -12.91 8.34 31.60
C LYS B 120 -13.44 8.87 32.94
N LEU B 121 -12.85 9.94 33.45
CA LEU B 121 -13.38 10.59 34.64
C LEU B 121 -14.45 11.61 34.29
N SER B 122 -14.45 12.07 33.04
CA SER B 122 -15.34 13.13 32.62
C SER B 122 -16.72 12.62 32.24
N LYS B 123 -16.81 11.35 31.86
CA LYS B 123 -18.08 10.73 31.51
C LYS B 123 -18.98 10.63 32.73
N PRO B 124 -20.26 11.02 32.60
CA PRO B 124 -20.91 11.54 31.38
C PRO B 124 -20.52 12.98 31.07
N MET C 1 3.00 1.29 -32.29
CA MET C 1 4.08 1.47 -33.24
C MET C 1 4.02 0.44 -34.36
N ASP C 2 4.99 0.49 -35.27
CA ASP C 2 5.05 -0.45 -36.38
C ASP C 2 5.21 -1.87 -35.88
N ALA C 3 4.54 -2.81 -36.56
CA ALA C 3 4.55 -4.21 -36.16
C ALA C 3 5.97 -4.78 -36.10
N LYS C 4 6.83 -4.27 -36.96
CA LYS C 4 8.23 -4.68 -37.01
C LYS C 4 8.93 -4.35 -35.69
N ALA C 5 8.77 -3.11 -35.24
CA ALA C 5 9.37 -2.64 -33.99
C ALA C 5 8.85 -3.43 -32.79
N ARG C 6 7.52 -3.58 -32.73
CA ARG C 6 6.88 -4.37 -31.69
C ARG C 6 7.48 -5.77 -31.65
N ASN C 7 7.62 -6.37 -32.83
CA ASN C 7 8.22 -7.69 -32.94
C ASN C 7 9.65 -7.74 -32.42
N CYS C 8 10.40 -6.66 -32.65
CA CYS C 8 11.78 -6.59 -32.16
C CYS C 8 11.80 -6.55 -30.63
N LEU C 9 11.04 -5.63 -30.05
CA LEU C 9 10.94 -5.51 -28.59
C LEU C 9 10.52 -6.83 -27.95
N LEU C 10 9.50 -7.46 -28.52
CA LEU C 10 9.03 -8.75 -28.04
C LEU C 10 10.10 -9.83 -28.21
N GLN C 11 10.93 -9.66 -29.24
CA GLN C 11 12.00 -10.61 -29.52
C GLN C 11 13.09 -10.51 -28.46
N HIS C 12 13.25 -9.32 -27.86
CA HIS C 12 14.27 -9.16 -26.84
C HIS C 12 13.72 -8.73 -25.48
N ARG C 13 12.48 -9.14 -25.19
CA ARG C 13 11.83 -8.80 -23.94
C ARG C 13 12.54 -9.37 -22.71
N GLU C 14 12.62 -10.71 -22.65
CA GLU C 14 13.31 -11.38 -21.53
C GLU C 14 14.76 -10.92 -21.41
N ALA C 15 15.36 -10.58 -22.54
CA ALA C 15 16.73 -10.08 -22.56
C ALA C 15 16.81 -8.71 -21.87
N LEU C 16 15.80 -7.88 -22.11
CA LEU C 16 15.78 -6.54 -21.51
C LEU C 16 15.42 -6.59 -20.02
N GLU C 17 14.46 -7.41 -19.65
CA GLU C 17 13.92 -7.42 -18.29
C GLU C 17 14.90 -7.91 -17.23
N LYS C 18 15.99 -8.53 -17.66
CA LYS C 18 16.97 -9.06 -16.71
C LYS C 18 18.08 -8.06 -16.39
N ASP C 19 18.25 -7.06 -17.25
CA ASP C 19 19.40 -6.16 -17.14
C ASP C 19 19.03 -4.68 -16.91
N ILE C 20 17.80 -4.31 -17.26
CA ILE C 20 17.42 -2.90 -17.27
C ILE C 20 17.07 -2.34 -15.90
N LYS C 21 17.73 -1.25 -15.53
CA LYS C 21 17.34 -0.47 -14.36
C LYS C 21 16.45 0.69 -14.81
N THR C 22 15.18 0.62 -14.44
CA THR C 22 14.14 1.49 -15.00
C THR C 22 14.30 2.98 -14.72
N SER C 23 14.91 3.33 -13.59
CA SER C 23 14.98 4.72 -13.13
C SER C 23 15.55 5.68 -14.18
N TYR C 24 16.78 5.41 -14.60
CA TYR C 24 17.50 6.28 -15.52
C TYR C 24 16.84 6.32 -16.89
N ILE C 25 16.44 5.15 -17.37
CA ILE C 25 15.74 5.03 -18.66
C ILE C 25 14.47 5.88 -18.67
N MET C 26 13.69 5.77 -17.61
CA MET C 26 12.45 6.52 -17.49
C MET C 26 12.73 8.02 -17.36
N ASP C 27 13.85 8.36 -16.72
CA ASP C 27 14.28 9.76 -16.69
C ASP C 27 14.44 10.27 -18.12
N HIS C 28 15.18 9.51 -18.92
CA HIS C 28 15.41 9.86 -20.32
C HIS C 28 14.11 9.99 -21.12
N MET C 29 13.25 8.98 -21.03
CA MET C 29 12.01 8.96 -21.81
C MET C 29 11.05 10.08 -21.38
N ILE C 30 11.05 10.40 -20.09
CA ILE C 30 10.24 11.49 -19.59
C ILE C 30 10.76 12.82 -20.12
N SER C 31 12.09 12.97 -20.12
CA SER C 31 12.71 14.16 -20.68
C SER C 31 12.37 14.33 -22.16
N ASP C 32 12.38 13.22 -22.89
CA ASP C 32 12.06 13.23 -24.32
C ASP C 32 10.59 13.55 -24.56
N GLY C 33 9.73 13.09 -23.66
CA GLY C 33 8.32 13.45 -23.71
C GLY C 33 7.36 12.33 -24.07
N PHE C 34 7.83 11.09 -23.97
CA PHE C 34 7.00 9.94 -24.32
C PHE C 34 6.67 9.08 -23.10
N LEU C 35 6.64 9.72 -21.95
CA LEU C 35 6.30 9.04 -20.70
C LEU C 35 5.76 10.04 -19.69
N THR C 36 4.53 9.82 -19.23
CA THR C 36 3.89 10.73 -18.29
C THR C 36 4.24 10.40 -16.84
N ILE C 37 3.92 11.33 -15.95
CA ILE C 37 4.18 11.15 -14.53
C ILE C 37 3.36 9.99 -13.97
N SER C 38 2.13 9.84 -14.46
CA SER C 38 1.25 8.76 -14.04
C SER C 38 1.84 7.39 -14.38
N GLU C 39 2.26 7.24 -15.64
CA GLU C 39 2.87 6.00 -16.11
C GLU C 39 4.14 5.68 -15.32
N GLU C 40 4.97 6.69 -15.11
CA GLU C 40 6.18 6.54 -14.31
C GLU C 40 5.83 6.06 -12.90
N GLU C 41 4.72 6.58 -12.37
CA GLU C 41 4.26 6.17 -11.05
C GLU C 41 3.91 4.69 -11.04
N LYS C 42 3.06 4.27 -11.99
CA LYS C 42 2.60 2.88 -12.00
C LYS C 42 3.73 1.91 -12.35
N VAL C 43 4.82 2.40 -12.92
CA VAL C 43 6.00 1.57 -13.10
C VAL C 43 6.81 1.48 -11.81
N ARG C 44 7.12 2.63 -11.23
CA ARG C 44 7.91 2.70 -10.01
C ARG C 44 7.16 2.11 -8.83
N ASN C 45 5.85 1.92 -8.99
CA ASN C 45 4.99 1.37 -7.94
C ASN C 45 5.12 -0.15 -7.83
N GLU C 46 6.18 -0.70 -8.42
CA GLU C 46 6.44 -2.14 -8.36
C GLU C 46 7.64 -2.44 -7.47
N PRO C 47 7.50 -3.42 -6.57
CA PRO C 47 8.49 -3.76 -5.53
C PRO C 47 9.86 -4.19 -6.07
N THR C 48 9.90 -5.05 -7.08
CA THR C 48 11.17 -5.53 -7.60
C THR C 48 11.53 -4.87 -8.92
N GLN C 49 12.76 -5.11 -9.38
CA GLN C 49 13.29 -4.47 -10.57
C GLN C 49 12.71 -5.03 -11.87
N GLN C 50 12.70 -6.36 -11.96
CA GLN C 50 12.20 -7.04 -13.16
C GLN C 50 10.72 -6.73 -13.40
N GLN C 51 9.97 -6.53 -12.33
CA GLN C 51 8.56 -6.18 -12.45
C GLN C 51 8.40 -4.79 -13.06
N ARG C 52 9.21 -3.84 -12.57
CA ARG C 52 9.21 -2.49 -13.13
C ARG C 52 9.56 -2.52 -14.61
N ALA C 53 10.59 -3.29 -14.95
CA ALA C 53 10.99 -3.44 -16.35
C ALA C 53 9.84 -3.98 -17.19
N ALA C 54 9.22 -5.05 -16.69
CA ALA C 54 8.10 -5.69 -17.37
C ALA C 54 6.97 -4.70 -17.64
N MET C 55 6.60 -3.93 -16.62
CA MET C 55 5.54 -2.94 -16.76
C MET C 55 5.92 -1.87 -17.79
N LEU C 56 7.16 -1.40 -17.72
CA LEU C 56 7.65 -0.37 -18.64
C LEU C 56 7.55 -0.82 -20.09
N ILE C 57 8.09 -2.00 -20.39
CA ILE C 57 8.03 -2.54 -21.74
C ILE C 57 6.56 -2.74 -22.16
N LYS C 58 5.78 -3.31 -21.25
CA LYS C 58 4.35 -3.52 -21.47
C LYS C 58 3.65 -2.23 -21.89
N MET C 59 4.11 -1.10 -21.35
CA MET C 59 3.53 0.19 -21.71
C MET C 59 4.06 0.70 -23.05
N ILE C 60 5.36 0.54 -23.29
CA ILE C 60 5.96 1.01 -24.54
C ILE C 60 5.38 0.29 -25.75
N LEU C 61 4.97 -0.96 -25.56
CA LEU C 61 4.38 -1.74 -26.64
C LEU C 61 3.12 -1.11 -27.22
N LYS C 62 2.40 -0.34 -26.40
CA LYS C 62 1.15 0.28 -26.84
C LYS C 62 1.38 1.66 -27.48
N LYS C 63 2.61 2.14 -27.42
CA LYS C 63 2.94 3.48 -27.90
C LYS C 63 3.32 3.49 -29.38
N ASP C 64 3.91 4.60 -29.83
CA ASP C 64 4.25 4.76 -31.24
C ASP C 64 5.76 4.66 -31.49
N ASN C 65 6.16 5.01 -32.72
CA ASN C 65 7.54 4.82 -33.18
C ASN C 65 8.56 5.69 -32.42
N ASP C 66 8.23 6.97 -32.24
CA ASP C 66 9.11 7.90 -31.56
C ASP C 66 9.40 7.45 -30.13
N SER C 67 8.43 6.76 -29.53
CA SER C 67 8.61 6.17 -28.20
C SER C 67 9.70 5.10 -28.26
N TYR C 68 9.60 4.23 -29.26
CA TYR C 68 10.59 3.18 -29.48
C TYR C 68 11.99 3.79 -29.62
N VAL C 69 12.09 4.82 -30.44
CA VAL C 69 13.38 5.48 -30.67
C VAL C 69 13.91 6.11 -29.38
N SER C 70 13.03 6.74 -28.61
CA SER C 70 13.41 7.34 -27.33
C SER C 70 13.95 6.28 -26.38
N PHE C 71 13.32 5.10 -26.39
CA PHE C 71 13.72 3.98 -25.55
C PHE C 71 15.11 3.48 -25.95
N TYR C 72 15.30 3.31 -27.26
CA TYR C 72 16.60 2.91 -27.80
C TYR C 72 17.70 3.89 -27.38
N ASN C 73 17.44 5.18 -27.57
CA ASN C 73 18.39 6.22 -27.21
C ASN C 73 18.69 6.24 -25.72
N ALA C 74 17.66 5.92 -24.92
CA ALA C 74 17.84 5.80 -23.48
C ALA C 74 18.81 4.67 -23.17
N LEU C 75 18.57 3.51 -23.76
CA LEU C 75 19.46 2.36 -23.59
C LEU C 75 20.89 2.67 -23.99
N LEU C 76 21.03 3.45 -25.07
CA LEU C 76 22.35 3.76 -25.62
C LEU C 76 23.09 4.80 -24.78
N HIS C 77 22.35 5.74 -24.19
CA HIS C 77 22.96 6.80 -23.39
C HIS C 77 23.36 6.32 -22.00
N GLU C 78 22.82 5.17 -21.58
CA GLU C 78 23.05 4.70 -20.22
C GLU C 78 23.92 3.44 -20.15
N GLY C 79 24.66 3.18 -21.22
CA GLY C 79 25.65 2.11 -21.22
C GLY C 79 25.18 0.77 -21.74
N TYR C 80 23.87 0.60 -21.92
CA TYR C 80 23.33 -0.64 -22.45
C TYR C 80 23.59 -0.75 -23.94
N LYS C 81 24.85 -0.95 -24.32
CA LYS C 81 25.23 -0.94 -25.73
C LYS C 81 24.68 -2.14 -26.50
N ASP C 82 24.72 -3.31 -25.88
CA ASP C 82 24.36 -4.54 -26.57
C ASP C 82 22.86 -4.71 -26.70
N LEU C 83 22.11 -4.23 -25.72
CA LEU C 83 20.65 -4.26 -25.78
C LEU C 83 20.16 -3.27 -26.83
N ALA C 84 20.78 -2.10 -26.86
CA ALA C 84 20.50 -1.10 -27.88
C ALA C 84 20.80 -1.67 -29.26
N ALA C 85 21.90 -2.41 -29.36
CA ALA C 85 22.25 -3.10 -30.59
C ALA C 85 21.17 -4.11 -30.97
N LEU C 86 20.64 -4.80 -29.97
CA LEU C 86 19.57 -5.77 -30.19
C LEU C 86 18.31 -5.09 -30.73
N LEU C 87 18.08 -3.86 -30.29
CA LEU C 87 16.90 -3.11 -30.76
C LEU C 87 17.17 -2.32 -32.03
N HIS C 88 18.42 -2.29 -32.48
CA HIS C 88 18.80 -1.48 -33.64
C HIS C 88 18.09 -1.90 -34.93
N ASP C 89 17.86 -3.20 -35.11
CA ASP C 89 17.26 -3.71 -36.34
C ASP C 89 15.80 -3.34 -36.44
N GLY C 90 15.16 -3.10 -35.30
CA GLY C 90 13.74 -2.82 -35.27
C GLY C 90 13.38 -1.35 -35.37
N ILE C 91 14.39 -0.49 -35.43
CA ILE C 91 14.16 0.96 -35.52
C ILE C 91 13.41 1.32 -36.80
N PRO C 92 12.23 1.94 -36.65
CA PRO C 92 11.34 2.28 -37.77
C PRO C 92 12.01 3.19 -38.80
N VAL C 93 11.90 2.83 -40.08
CA VAL C 93 12.46 3.62 -41.17
C VAL C 93 11.86 5.02 -41.18
N VAL C 94 12.73 6.02 -41.34
CA VAL C 94 12.35 7.43 -41.16
C VAL C 94 11.58 8.05 -42.32
N SER C 95 10.54 8.82 -41.97
CA SER C 95 9.82 9.76 -42.84
C SER C 95 8.65 10.37 -42.07
N ALA D 22 -6.24 27.07 -8.45
CA ALA D 22 -5.04 27.33 -9.23
C ALA D 22 -3.95 26.29 -8.98
N SER D 23 -4.11 25.12 -9.58
CA SER D 23 -3.06 24.10 -9.54
C SER D 23 -1.96 24.49 -10.53
N MET D 24 -0.82 23.82 -10.46
CA MET D 24 0.30 24.14 -11.34
C MET D 24 -0.08 23.94 -12.81
N ASP D 25 0.05 25.02 -13.59
CA ASP D 25 -0.32 25.00 -15.00
C ASP D 25 0.49 23.99 -15.80
N GLU D 26 -0.02 23.62 -16.97
CA GLU D 26 0.59 22.59 -17.80
C GLU D 26 1.96 22.98 -18.32
N ALA D 27 2.18 24.27 -18.54
CA ALA D 27 3.47 24.75 -19.03
C ALA D 27 4.58 24.46 -18.04
N ASP D 28 4.30 24.65 -16.75
CA ASP D 28 5.27 24.41 -15.70
C ASP D 28 5.58 22.93 -15.51
N ARG D 29 4.52 22.11 -15.44
CA ARG D 29 4.69 20.67 -15.29
C ARG D 29 5.49 20.12 -16.47
N ARG D 30 5.12 20.56 -17.66
CA ARG D 30 5.81 20.18 -18.89
C ARG D 30 7.28 20.61 -18.84
N LEU D 31 7.53 21.79 -18.27
CA LEU D 31 8.88 22.31 -18.16
C LEU D 31 9.72 21.51 -17.16
N LEU D 32 9.06 20.98 -16.14
CA LEU D 32 9.72 20.15 -15.14
C LEU D 32 10.04 18.77 -15.71
N ARG D 33 9.13 18.24 -16.51
CA ARG D 33 9.30 16.93 -17.12
C ARG D 33 10.34 16.95 -18.24
N ARG D 34 10.39 18.06 -18.96
CA ARG D 34 11.31 18.20 -20.09
C ARG D 34 12.77 18.22 -19.63
N CSO D 35 13.07 19.10 -18.68
CA CSO D 35 14.42 19.17 -18.13
CB CSO D 35 14.84 20.64 -17.92
SG CSO D 35 14.61 21.57 -19.45
C CSO D 35 14.57 18.36 -16.85
O CSO D 35 15.34 18.70 -15.96
OD CSO D 35 13.54 22.97 -19.24
N ARG D 36 13.82 17.26 -16.78
CA ARG D 36 13.89 16.31 -15.67
C ARG D 36 15.29 15.73 -15.51
N LEU D 37 15.93 15.42 -16.64
CA LEU D 37 17.26 14.83 -16.64
C LEU D 37 18.29 15.78 -16.03
N ARG D 38 18.35 16.97 -16.60
CA ARG D 38 19.27 18.01 -16.15
C ARG D 38 19.07 18.33 -14.67
N LEU D 39 17.84 18.19 -14.20
CA LEU D 39 17.53 18.45 -12.80
C LEU D 39 18.03 17.33 -11.89
N VAL D 40 17.76 16.08 -12.25
CA VAL D 40 18.24 14.97 -11.44
C VAL D 40 19.73 14.75 -11.61
N GLU D 41 20.36 15.56 -12.46
CA GLU D 41 21.81 15.51 -12.63
C GLU D 41 22.53 16.64 -11.89
N GLU D 42 22.13 17.89 -12.13
CA GLU D 42 22.85 19.04 -11.56
C GLU D 42 22.44 19.40 -10.14
N LEU D 43 21.15 19.25 -9.83
CA LEU D 43 20.57 19.77 -8.59
C LEU D 43 21.21 19.20 -7.31
N GLN D 44 21.83 20.08 -6.54
CA GLN D 44 22.34 19.72 -5.22
C GLN D 44 21.26 19.95 -4.17
N VAL D 45 20.86 18.86 -3.51
CA VAL D 45 19.78 18.90 -2.53
C VAL D 45 20.31 19.03 -1.11
N ASP D 46 21.63 19.07 -0.99
CA ASP D 46 22.30 19.03 0.30
C ASP D 46 21.89 20.16 1.24
N GLN D 47 21.45 21.28 0.68
CA GLN D 47 21.11 22.45 1.49
C GLN D 47 19.69 22.93 1.24
N LEU D 48 19.05 22.36 0.22
CA LEU D 48 17.73 22.79 -0.23
C LEU D 48 16.63 22.73 0.83
N TRP D 49 16.65 21.66 1.62
CA TRP D 49 15.53 21.31 2.53
C TRP D 49 15.00 22.47 3.36
N ASP D 50 15.89 23.15 4.08
CA ASP D 50 15.50 24.24 4.95
C ASP D 50 14.82 25.37 4.19
N VAL D 51 15.34 25.68 3.01
CA VAL D 51 14.78 26.74 2.18
C VAL D 51 13.43 26.32 1.62
N LEU D 52 13.30 25.05 1.26
CA LEU D 52 12.03 24.50 0.81
C LEU D 52 10.98 24.62 1.91
N LEU D 53 11.42 24.44 3.15
CA LEU D 53 10.53 24.53 4.30
C LEU D 53 10.13 25.97 4.59
N SER D 54 11.09 26.89 4.49
CA SER D 54 10.87 28.28 4.87
C SER D 54 10.13 29.08 3.79
N ARG D 55 10.02 28.51 2.60
CA ARG D 55 9.27 29.16 1.52
C ARG D 55 7.90 28.49 1.33
N GLU D 56 7.61 27.54 2.20
CA GLU D 56 6.31 26.86 2.24
C GLU D 56 5.96 26.16 0.94
N LEU D 57 6.87 25.30 0.47
CA LEU D 57 6.58 24.42 -0.65
C LEU D 57 6.13 23.06 -0.11
N PHE D 58 6.72 22.67 1.01
CA PHE D 58 6.36 21.43 1.69
C PHE D 58 6.31 21.64 3.19
N ARG D 59 5.96 20.57 3.91
CA ARG D 59 6.01 20.55 5.36
C ARG D 59 7.04 19.49 5.78
N PRO D 60 7.53 19.54 7.03
CA PRO D 60 8.61 18.64 7.48
C PRO D 60 8.47 17.17 7.10
N HIS D 61 7.33 16.55 7.40
CA HIS D 61 7.16 15.12 7.13
C HIS D 61 7.25 14.82 5.64
N MET D 62 6.84 15.77 4.81
CA MET D 62 6.99 15.64 3.37
C MET D 62 8.47 15.61 2.98
N ILE D 63 9.25 16.46 3.63
CA ILE D 63 10.70 16.49 3.41
C ILE D 63 11.30 15.15 3.81
N GLU D 64 10.83 14.60 4.93
CA GLU D 64 11.25 13.28 5.36
C GLU D 64 10.96 12.24 4.29
N ASP D 65 9.76 12.31 3.72
CA ASP D 65 9.37 11.39 2.65
C ASP D 65 10.27 11.49 1.42
N ILE D 66 10.51 12.73 0.98
CA ILE D 66 11.34 12.97 -0.20
C ILE D 66 12.79 12.52 0.05
N GLN D 67 13.22 12.58 1.31
CA GLN D 67 14.57 12.17 1.65
C GLN D 67 14.71 10.65 1.76
N ARG D 68 13.66 9.97 2.20
CA ARG D 68 13.68 8.51 2.34
C ARG D 68 13.50 7.80 0.99
N ALA D 69 12.93 8.53 0.03
CA ALA D 69 12.56 7.98 -1.28
C ALA D 69 13.71 7.27 -2.00
N GLY D 70 13.40 6.16 -2.65
CA GLY D 70 14.36 5.40 -3.42
C GLY D 70 15.40 4.71 -2.57
N SER D 71 16.67 4.93 -2.89
CA SER D 71 17.77 4.37 -2.13
C SER D 71 18.26 5.39 -1.10
N GLY D 72 18.05 6.66 -1.39
CA GLY D 72 18.50 7.73 -0.52
C GLY D 72 19.61 8.53 -1.17
N SER D 73 19.94 8.16 -2.41
CA SER D 73 20.96 8.87 -3.18
C SER D 73 20.48 10.27 -3.54
N ARG D 74 21.41 11.14 -3.94
CA ARG D 74 21.08 12.50 -4.31
C ARG D 74 20.14 12.53 -5.52
N ARG D 75 20.41 11.64 -6.48
CA ARG D 75 19.63 11.57 -7.70
C ARG D 75 18.17 11.20 -7.42
N ASP D 76 17.98 10.13 -6.64
CA ASP D 76 16.64 9.67 -6.28
C ASP D 76 15.86 10.73 -5.50
N GLN D 77 16.55 11.39 -4.56
CA GLN D 77 15.96 12.45 -3.77
C GLN D 77 15.51 13.60 -4.65
N ALA D 78 16.39 14.06 -5.53
CA ALA D 78 16.08 15.14 -6.46
C ALA D 78 14.88 14.79 -7.34
N ARG D 79 14.88 13.55 -7.84
CA ARG D 79 13.79 13.08 -8.68
C ARG D 79 12.46 13.13 -7.95
N GLN D 80 12.40 12.51 -6.77
CA GLN D 80 11.17 12.52 -6.00
C GLN D 80 10.73 13.94 -5.66
N LEU D 81 11.71 14.82 -5.46
CA LEU D 81 11.44 16.23 -5.18
C LEU D 81 10.71 16.90 -6.34
N ILE D 82 11.28 16.81 -7.54
CA ILE D 82 10.67 17.48 -8.69
C ILE D 82 9.39 16.77 -9.14
N ILE D 83 9.22 15.51 -8.73
CA ILE D 83 7.97 14.80 -8.99
C ILE D 83 6.86 15.34 -8.08
N ASP D 84 7.18 15.51 -6.81
CA ASP D 84 6.20 16.00 -5.83
C ASP D 84 5.92 17.49 -5.98
N LEU D 85 6.86 18.21 -6.58
CA LEU D 85 6.75 19.66 -6.74
C LEU D 85 5.53 20.07 -7.58
N GLU D 86 5.10 19.17 -8.46
CA GLU D 86 3.97 19.43 -9.35
C GLU D 86 2.66 19.61 -8.58
N THR D 87 2.61 19.10 -7.35
CA THR D 87 1.38 19.06 -6.59
C THR D 87 1.24 20.22 -5.60
N ARG D 88 2.20 21.14 -5.61
CA ARG D 88 2.27 22.16 -4.57
C ARG D 88 1.68 23.50 -4.98
N GLY D 89 0.82 23.49 -5.99
CA GLY D 89 0.11 24.70 -6.38
C GLY D 89 0.72 25.44 -7.57
N SER D 90 0.08 26.54 -7.95
CA SER D 90 0.45 27.30 -9.14
C SER D 90 1.87 27.85 -9.08
N GLN D 91 2.16 28.66 -8.07
CA GLN D 91 3.44 29.33 -7.98
C GLN D 91 4.55 28.44 -7.41
N ALA D 92 4.32 27.13 -7.42
CA ALA D 92 5.27 26.19 -6.84
C ALA D 92 6.60 26.18 -7.60
N LEU D 93 6.56 26.37 -8.91
CA LEU D 93 7.77 26.34 -9.71
C LEU D 93 8.69 27.54 -9.50
N PRO D 94 8.18 28.79 -9.63
CA PRO D 94 9.12 29.89 -9.42
C PRO D 94 9.64 29.97 -7.99
N LEU D 95 8.77 29.67 -7.02
CA LEU D 95 9.18 29.55 -5.62
C LEU D 95 10.40 28.62 -5.53
N PHE D 96 10.25 27.43 -6.11
CA PHE D 96 11.34 26.47 -6.18
C PHE D 96 12.60 27.11 -6.76
N ILE D 97 12.43 27.86 -7.85
CA ILE D 97 13.56 28.51 -8.50
C ILE D 97 14.27 29.42 -7.50
N SER D 98 13.48 30.15 -6.71
CA SER D 98 14.03 31.05 -5.71
C SER D 98 14.94 30.27 -4.76
N CYS D 99 14.52 29.08 -4.37
CA CYS D 99 15.31 28.24 -3.49
C CYS D 99 16.67 27.95 -4.12
N LEU D 100 16.68 27.68 -5.42
CA LEU D 100 17.92 27.41 -6.13
C LEU D 100 18.83 28.63 -6.06
N GLU D 101 18.23 29.81 -6.07
CA GLU D 101 18.99 31.05 -6.00
C GLU D 101 19.56 31.26 -4.61
N ASP D 102 18.89 30.68 -3.61
CA ASP D 102 19.28 30.89 -2.22
C ASP D 102 20.45 30.00 -1.82
N THR D 103 20.50 28.80 -2.40
CA THR D 103 21.55 27.84 -2.05
C THR D 103 22.77 27.98 -2.94
N GLY D 104 22.88 29.09 -3.65
CA GLY D 104 24.04 29.37 -4.47
C GLY D 104 24.09 28.59 -5.77
N GLN D 105 22.95 28.09 -6.21
CA GLN D 105 22.86 27.40 -7.49
C GLN D 105 22.36 28.37 -8.55
N ASP D 106 23.03 29.51 -8.65
CA ASP D 106 22.63 30.60 -9.53
C ASP D 106 22.47 30.15 -10.99
N MET D 107 23.35 29.25 -11.41
CA MET D 107 23.39 28.76 -12.78
C MET D 107 22.10 28.05 -13.19
N LEU D 108 21.85 26.91 -12.56
CA LEU D 108 20.65 26.10 -12.80
C LEU D 108 19.38 26.94 -12.65
N ALA D 109 19.36 27.79 -11.63
CA ALA D 109 18.23 28.66 -11.36
C ALA D 109 17.97 29.61 -12.52
N SER D 110 19.02 30.25 -13.01
CA SER D 110 18.90 31.18 -14.12
C SER D 110 18.43 30.46 -15.37
N PHE D 111 18.91 29.23 -15.54
CA PHE D 111 18.46 28.39 -16.66
C PHE D 111 16.95 28.14 -16.62
N LEU D 112 16.48 27.58 -15.51
CA LEU D 112 15.06 27.29 -15.34
C LEU D 112 14.20 28.53 -15.47
N ARG D 113 14.66 29.64 -14.89
CA ARG D 113 13.89 30.88 -14.89
C ARG D 113 13.79 31.46 -16.30
N THR D 114 14.92 31.54 -17.00
CA THR D 114 14.92 32.11 -18.34
C THR D 114 14.12 31.23 -19.30
N ASN D 115 14.14 29.92 -19.08
CA ASN D 115 13.38 29.00 -19.93
C ASN D 115 11.88 29.10 -19.67
N ARG D 116 11.50 29.28 -18.40
CA ARG D 116 10.10 29.46 -18.07
C ARG D 116 9.58 30.77 -18.65
N GLN D 117 10.37 31.82 -18.50
CA GLN D 117 10.03 33.13 -19.06
C GLN D 117 9.89 33.04 -20.58
N ALA D 118 10.73 32.22 -21.20
CA ALA D 118 10.62 31.99 -22.64
C ALA D 118 9.31 31.29 -22.97
N ALA D 119 9.01 30.22 -22.23
CA ALA D 119 7.80 29.43 -22.45
C ALA D 119 6.54 30.27 -22.35
N LYS D 120 6.50 31.17 -21.36
CA LYS D 120 5.32 32.00 -21.14
C LYS D 120 5.03 32.95 -22.31
N LEU D 121 6.08 33.35 -23.02
CA LEU D 121 5.93 34.34 -24.08
C LEU D 121 5.68 33.74 -25.46
N SER D 122 5.20 32.50 -25.50
CA SER D 122 4.91 31.82 -26.76
C SER D 122 3.64 30.99 -26.69
N LYS D 123 2.65 31.37 -27.48
CA LYS D 123 1.39 30.64 -27.54
C LYS D 123 0.56 31.12 -28.73
N PRO D 124 -0.15 30.21 -29.40
CA PRO D 124 -0.33 28.77 -29.19
C PRO D 124 0.90 27.96 -29.57
N MET E 1 -26.15 -23.74 14.18
CA MET E 1 -25.24 -24.79 14.63
C MET E 1 -25.77 -25.49 15.89
N ASP E 2 -26.12 -24.69 16.89
CA ASP E 2 -26.52 -25.20 18.18
C ASP E 2 -27.30 -24.11 18.91
N ALA E 3 -27.74 -24.40 20.13
CA ALA E 3 -28.48 -23.44 20.93
C ALA E 3 -27.63 -22.24 21.31
N LYS E 4 -27.03 -22.29 22.50
CA LYS E 4 -26.34 -21.11 23.02
C LYS E 4 -24.96 -20.97 22.37
N ALA E 5 -24.59 -21.88 21.48
CA ALA E 5 -23.40 -21.64 20.67
C ALA E 5 -23.66 -20.46 19.73
N ARG E 6 -24.62 -20.66 18.83
CA ARG E 6 -25.00 -19.61 17.90
C ARG E 6 -25.61 -18.42 18.63
N ASN E 7 -26.34 -18.69 19.72
CA ASN E 7 -26.87 -17.59 20.52
C ASN E 7 -25.76 -16.73 21.14
N CYS E 8 -24.65 -17.37 21.50
CA CYS E 8 -23.48 -16.66 22.00
C CYS E 8 -22.80 -15.89 20.87
N LEU E 9 -22.86 -16.44 19.66
CA LEU E 9 -22.32 -15.74 18.50
C LEU E 9 -23.09 -14.45 18.22
N LEU E 10 -24.42 -14.53 18.23
CA LEU E 10 -25.25 -13.34 18.03
C LEU E 10 -25.11 -12.38 19.21
N GLN E 11 -24.86 -12.94 20.39
CA GLN E 11 -24.72 -12.16 21.61
C GLN E 11 -23.53 -11.20 21.53
N HIS E 12 -22.50 -11.60 20.79
CA HIS E 12 -21.31 -10.78 20.65
C HIS E 12 -20.84 -10.71 19.20
N ARG E 13 -21.75 -10.46 18.27
CA ARG E 13 -21.40 -10.40 16.86
C ARG E 13 -20.79 -9.04 16.50
N GLU E 14 -21.14 -8.02 17.27
CA GLU E 14 -20.65 -6.66 17.02
C GLU E 14 -19.14 -6.57 17.23
N ALA E 15 -18.70 -6.96 18.43
CA ALA E 15 -17.28 -6.93 18.77
C ALA E 15 -16.45 -7.74 17.79
N LEU E 16 -16.92 -8.95 17.50
CA LEU E 16 -16.26 -9.83 16.54
C LEU E 16 -16.15 -9.17 15.17
N GLU E 17 -17.25 -8.56 14.71
CA GLU E 17 -17.27 -7.93 13.41
C GLU E 17 -16.35 -6.71 13.32
N LYS E 18 -16.17 -6.02 14.44
CA LYS E 18 -15.40 -4.79 14.41
C LYS E 18 -13.95 -4.96 14.90
N ASP E 19 -13.59 -6.18 15.30
CA ASP E 19 -12.23 -6.41 15.79
C ASP E 19 -11.39 -7.33 14.92
N ILE E 20 -11.89 -8.53 14.64
CA ILE E 20 -11.08 -9.58 14.02
C ILE E 20 -10.61 -9.24 12.60
N LYS E 21 -9.47 -9.81 12.21
CA LYS E 21 -8.97 -9.71 10.85
C LYS E 21 -9.09 -11.07 10.17
N THR E 22 -10.06 -11.19 9.26
CA THR E 22 -10.39 -12.46 8.62
C THR E 22 -9.21 -13.18 7.97
N SER E 23 -8.24 -12.41 7.50
CA SER E 23 -7.05 -12.98 6.89
C SER E 23 -6.35 -13.97 7.81
N TYR E 24 -6.15 -13.57 9.06
CA TYR E 24 -5.43 -14.38 10.03
C TYR E 24 -6.26 -15.57 10.53
N ILE E 25 -7.58 -15.38 10.62
CA ILE E 25 -8.48 -16.40 11.14
C ILE E 25 -8.73 -17.51 10.13
N MET E 26 -9.03 -17.11 8.90
CA MET E 26 -9.39 -18.06 7.84
C MET E 26 -8.25 -19.03 7.53
N ASP E 27 -7.01 -18.64 7.80
CA ASP E 27 -5.89 -19.55 7.61
C ASP E 27 -6.00 -20.74 8.57
N HIS E 28 -6.27 -20.43 9.83
CA HIS E 28 -6.46 -21.45 10.85
C HIS E 28 -7.68 -22.30 10.55
N MET E 29 -8.77 -21.65 10.15
CA MET E 29 -10.01 -22.37 9.88
C MET E 29 -9.88 -23.28 8.65
N ILE E 30 -9.03 -22.88 7.71
CA ILE E 30 -8.73 -23.70 6.54
C ILE E 30 -7.86 -24.90 6.95
N SER E 31 -6.81 -24.62 7.70
CA SER E 31 -5.87 -25.65 8.13
C SER E 31 -6.56 -26.68 9.02
N ASP E 32 -7.62 -26.27 9.71
CA ASP E 32 -8.41 -27.19 10.51
C ASP E 32 -9.40 -27.96 9.63
N GLY E 33 -9.85 -27.30 8.55
CA GLY E 33 -10.68 -27.97 7.56
C GLY E 33 -12.12 -27.50 7.49
N PHE E 34 -12.55 -26.71 8.46
CA PHE E 34 -13.95 -26.30 8.55
C PHE E 34 -14.25 -25.06 7.71
N LEU E 35 -13.50 -24.90 6.62
CA LEU E 35 -13.70 -23.79 5.70
C LEU E 35 -13.10 -24.16 4.34
N THR E 36 -13.66 -23.62 3.26
CA THR E 36 -13.22 -23.99 1.92
C THR E 36 -12.67 -22.81 1.14
N ILE E 37 -11.90 -23.13 0.09
CA ILE E 37 -11.28 -22.11 -0.76
C ILE E 37 -12.33 -21.20 -1.40
N SER E 38 -13.49 -21.77 -1.71
CA SER E 38 -14.58 -21.01 -2.31
C SER E 38 -15.15 -20.00 -1.31
N GLU E 39 -15.43 -20.47 -0.10
CA GLU E 39 -15.93 -19.61 0.96
C GLU E 39 -14.89 -18.56 1.34
N GLU E 40 -13.64 -19.00 1.40
CA GLU E 40 -12.51 -18.11 1.70
C GLU E 40 -12.41 -17.01 0.65
N GLU E 41 -12.66 -17.37 -0.61
CA GLU E 41 -12.67 -16.41 -1.71
C GLU E 41 -13.84 -15.45 -1.56
N LYS E 42 -14.99 -15.99 -1.17
CA LYS E 42 -16.19 -15.20 -0.97
C LYS E 42 -15.99 -14.14 0.11
N VAL E 43 -15.24 -14.50 1.15
CA VAL E 43 -14.98 -13.58 2.25
C VAL E 43 -13.87 -12.59 1.93
N ARG E 44 -12.82 -13.06 1.27
CA ARG E 44 -11.68 -12.22 0.92
C ARG E 44 -12.08 -11.08 -0.01
N ASN E 45 -13.12 -11.29 -0.80
CA ASN E 45 -13.60 -10.26 -1.72
C ASN E 45 -14.64 -9.34 -1.09
N GLU E 46 -14.22 -8.55 -0.12
CA GLU E 46 -15.05 -7.52 0.47
C GLU E 46 -14.21 -6.26 0.67
N PRO E 47 -14.81 -5.08 0.39
CA PRO E 47 -14.11 -3.80 0.46
C PRO E 47 -13.41 -3.53 1.80
N THR E 48 -14.15 -3.68 2.90
CA THR E 48 -13.62 -3.32 4.22
C THR E 48 -13.41 -4.53 5.13
N GLN E 49 -12.70 -4.30 6.22
CA GLN E 49 -12.36 -5.35 7.18
C GLN E 49 -13.59 -5.87 7.92
N GLN E 50 -14.43 -4.96 8.40
CA GLN E 50 -15.62 -5.34 9.15
C GLN E 50 -16.62 -6.08 8.28
N GLN E 51 -16.59 -5.82 6.98
CA GLN E 51 -17.46 -6.51 6.04
C GLN E 51 -16.98 -7.95 5.81
N ARG E 52 -15.66 -8.11 5.76
CA ARG E 52 -15.08 -9.45 5.69
C ARG E 52 -15.44 -10.23 6.95
N ALA E 53 -15.32 -9.57 8.09
CA ALA E 53 -15.67 -10.18 9.37
C ALA E 53 -17.13 -10.60 9.39
N ALA E 54 -18.00 -9.71 8.94
CA ALA E 54 -19.44 -9.96 8.93
C ALA E 54 -19.80 -11.13 8.01
N MET E 55 -19.20 -11.15 6.83
CA MET E 55 -19.43 -12.24 5.88
C MET E 55 -18.98 -13.56 6.50
N LEU E 56 -17.75 -13.58 7.00
CA LEU E 56 -17.20 -14.76 7.65
C LEU E 56 -18.10 -15.28 8.76
N ILE E 57 -18.61 -14.38 9.59
CA ILE E 57 -19.50 -14.76 10.68
C ILE E 57 -20.82 -15.33 10.14
N LYS E 58 -21.37 -14.68 9.12
CA LYS E 58 -22.57 -15.17 8.45
C LYS E 58 -22.37 -16.62 8.00
N MET E 59 -21.18 -16.93 7.49
CA MET E 59 -20.87 -18.28 7.06
C MET E 59 -20.69 -19.22 8.25
N ILE E 60 -20.14 -18.70 9.34
CA ILE E 60 -19.94 -19.50 10.56
C ILE E 60 -21.27 -19.97 11.12
N LEU E 61 -22.24 -19.05 11.18
CA LEU E 61 -23.57 -19.35 11.71
C LEU E 61 -24.21 -20.56 11.03
N LYS E 62 -24.05 -20.65 9.71
CA LYS E 62 -24.64 -21.74 8.95
C LYS E 62 -23.94 -23.07 9.22
N LYS E 63 -22.69 -23.01 9.66
CA LYS E 63 -21.91 -24.21 9.93
C LYS E 63 -22.27 -24.82 11.29
N ASP E 64 -21.46 -25.78 11.75
CA ASP E 64 -21.81 -26.54 12.95
C ASP E 64 -20.88 -26.29 14.14
N ASN E 65 -20.95 -27.18 15.13
CA ASN E 65 -20.29 -27.02 16.42
C ASN E 65 -18.76 -26.99 16.35
N ASP E 66 -18.19 -27.99 15.69
CA ASP E 66 -16.74 -28.10 15.57
C ASP E 66 -16.17 -26.87 14.86
N SER E 67 -16.98 -26.25 14.02
CA SER E 67 -16.60 -25.01 13.35
C SER E 67 -16.50 -23.87 14.36
N TYR E 68 -17.46 -23.82 15.29
CA TYR E 68 -17.43 -22.86 16.38
C TYR E 68 -16.15 -23.04 17.19
N VAL E 69 -15.85 -24.29 17.51
CA VAL E 69 -14.64 -24.62 18.26
C VAL E 69 -13.37 -24.15 17.53
N SER E 70 -13.30 -24.42 16.23
CA SER E 70 -12.14 -24.02 15.43
C SER E 70 -12.02 -22.50 15.33
N PHE E 71 -13.15 -21.82 15.30
CA PHE E 71 -13.19 -20.36 15.26
C PHE E 71 -12.60 -19.81 16.56
N TYR E 72 -13.06 -20.36 17.67
CA TYR E 72 -12.52 -20.06 18.99
C TYR E 72 -11.00 -20.24 19.02
N ASN E 73 -10.55 -21.42 18.57
CA ASN E 73 -9.13 -21.74 18.59
C ASN E 73 -8.30 -20.82 17.70
N ALA E 74 -8.88 -20.37 16.60
CA ALA E 74 -8.23 -19.41 15.71
C ALA E 74 -8.05 -18.08 16.44
N LEU E 75 -9.14 -17.59 17.01
CA LEU E 75 -9.11 -16.35 17.79
C LEU E 75 -8.07 -16.39 18.89
N LEU E 76 -7.99 -17.53 19.57
CA LEU E 76 -7.04 -17.70 20.67
C LEU E 76 -5.60 -17.72 20.15
N HIS E 77 -5.37 -18.45 19.08
CA HIS E 77 -4.04 -18.57 18.49
C HIS E 77 -3.53 -17.23 17.94
N GLU E 78 -4.46 -16.37 17.53
CA GLU E 78 -4.06 -15.10 16.91
C GLU E 78 -3.96 -13.95 17.91
N GLY E 79 -4.22 -14.22 19.17
CA GLY E 79 -4.04 -13.23 20.22
C GLY E 79 -5.28 -12.43 20.57
N TYR E 80 -6.44 -12.84 20.06
CA TYR E 80 -7.70 -12.23 20.43
C TYR E 80 -8.22 -12.88 21.70
N LYS E 81 -7.49 -12.66 22.79
CA LYS E 81 -7.75 -13.31 24.07
C LYS E 81 -9.08 -12.89 24.69
N ASP E 82 -9.36 -11.59 24.67
CA ASP E 82 -10.61 -11.04 25.18
C ASP E 82 -11.82 -11.68 24.51
N LEU E 83 -11.83 -11.64 23.18
CA LEU E 83 -12.95 -12.17 22.39
C LEU E 83 -13.09 -13.68 22.57
N ALA E 84 -11.96 -14.38 22.60
CA ALA E 84 -11.95 -15.82 22.83
C ALA E 84 -12.60 -16.17 24.16
N ALA E 85 -12.24 -15.41 25.20
CA ALA E 85 -12.83 -15.59 26.51
C ALA E 85 -14.32 -15.30 26.47
N LEU E 86 -14.70 -14.27 25.70
CA LEU E 86 -16.10 -13.89 25.55
C LEU E 86 -16.88 -14.97 24.81
N LEU E 87 -16.16 -15.84 24.10
CA LEU E 87 -16.77 -16.92 23.35
C LEU E 87 -16.72 -18.25 24.09
N HIS E 88 -15.90 -18.30 25.14
CA HIS E 88 -15.67 -19.54 25.90
C HIS E 88 -16.96 -20.15 26.47
N ASP E 89 -17.78 -19.33 27.10
CA ASP E 89 -18.99 -19.82 27.74
C ASP E 89 -20.12 -20.08 26.74
N GLY E 90 -19.78 -20.63 25.58
CA GLY E 90 -20.76 -20.92 24.55
C GLY E 90 -20.39 -22.17 23.77
N ILE E 91 -19.35 -22.85 24.23
CA ILE E 91 -18.91 -24.08 23.60
C ILE E 91 -19.85 -25.22 23.98
N PRO E 92 -20.40 -25.92 22.98
CA PRO E 92 -21.23 -27.09 23.25
C PRO E 92 -20.37 -28.21 23.83
N VAL E 93 -20.92 -29.41 23.92
CA VAL E 93 -20.09 -30.55 24.24
C VAL E 93 -20.45 -31.61 23.20
N VAL E 94 -21.55 -31.37 22.49
CA VAL E 94 -21.84 -32.14 21.28
C VAL E 94 -20.85 -31.75 20.18
N ALA F 22 -5.36 -34.84 -15.79
CA ALA F 22 -4.80 -33.49 -15.82
C ALA F 22 -5.55 -32.56 -14.87
N SER F 23 -6.02 -33.12 -13.76
CA SER F 23 -6.74 -32.34 -12.74
C SER F 23 -6.36 -32.83 -11.35
N MET F 24 -6.05 -31.91 -10.46
CA MET F 24 -5.54 -32.25 -9.12
C MET F 24 -6.52 -33.08 -8.31
N ASP F 25 -5.98 -34.12 -7.66
CA ASP F 25 -6.77 -35.03 -6.83
C ASP F 25 -7.31 -34.33 -5.58
N GLU F 26 -8.38 -34.87 -5.03
CA GLU F 26 -9.00 -34.34 -3.82
C GLU F 26 -8.06 -34.45 -2.61
N ALA F 27 -7.21 -35.48 -2.64
CA ALA F 27 -6.25 -35.70 -1.56
C ALA F 27 -5.19 -34.62 -1.52
N ASP F 28 -4.70 -34.24 -2.69
CA ASP F 28 -3.70 -33.18 -2.80
C ASP F 28 -4.26 -31.85 -2.35
N ARG F 29 -5.50 -31.57 -2.71
CA ARG F 29 -6.20 -30.39 -2.24
C ARG F 29 -6.32 -30.40 -0.73
N ARG F 30 -6.74 -31.55 -0.20
CA ARG F 30 -6.85 -31.77 1.24
C ARG F 30 -5.53 -31.47 1.92
N LEU F 31 -4.42 -31.82 1.27
CA LEU F 31 -3.09 -31.59 1.81
C LEU F 31 -2.73 -30.11 1.79
N LEU F 32 -3.01 -29.46 0.67
CA LEU F 32 -2.70 -28.03 0.53
C LEU F 32 -3.54 -27.18 1.48
N ARG F 33 -4.67 -27.72 1.92
CA ARG F 33 -5.51 -27.02 2.88
C ARG F 33 -5.16 -27.38 4.31
N ARG F 34 -4.83 -28.65 4.56
CA ARG F 34 -4.49 -29.11 5.90
C ARG F 34 -3.23 -28.44 6.44
N CSO F 35 -2.27 -28.22 5.55
CA CSO F 35 -1.02 -27.56 5.93
CB CSO F 35 0.19 -28.40 5.50
SG CSO F 35 0.41 -29.75 6.68
C CSO F 35 -0.92 -26.14 5.38
O CSO F 35 0.17 -25.65 5.07
OD CSO F 35 -0.07 -31.32 5.99
N ARG F 36 -2.08 -25.48 5.26
CA ARG F 36 -2.15 -24.09 4.80
C ARG F 36 -1.32 -23.16 5.67
N LEU F 37 -1.37 -23.36 6.98
CA LEU F 37 -0.66 -22.50 7.92
C LEU F 37 0.85 -22.60 7.77
N ARG F 38 1.37 -23.82 7.84
CA ARG F 38 2.82 -24.06 7.76
C ARG F 38 3.40 -23.57 6.43
N LEU F 39 2.65 -23.77 5.35
CA LEU F 39 3.07 -23.30 4.03
C LEU F 39 3.19 -21.78 3.99
N VAL F 40 2.11 -21.11 4.38
CA VAL F 40 2.05 -19.65 4.42
C VAL F 40 3.14 -19.08 5.32
N GLU F 41 3.46 -19.80 6.39
CA GLU F 41 4.52 -19.40 7.32
C GLU F 41 5.91 -19.53 6.72
N GLU F 42 6.17 -20.63 6.03
CA GLU F 42 7.55 -20.99 5.67
C GLU F 42 7.91 -20.90 4.19
N LEU F 43 6.96 -20.54 3.34
CA LEU F 43 7.25 -20.45 1.90
C LEU F 43 8.10 -19.23 1.56
N GLN F 44 9.17 -19.47 0.80
CA GLN F 44 10.01 -18.38 0.30
C GLN F 44 9.80 -18.21 -1.20
N VAL F 45 9.18 -17.11 -1.59
CA VAL F 45 8.80 -16.89 -2.99
C VAL F 45 9.73 -15.94 -3.74
N ASP F 46 10.91 -15.68 -3.18
CA ASP F 46 11.83 -14.70 -3.77
C ASP F 46 12.56 -15.29 -4.98
N GLN F 47 13.30 -16.37 -4.77
CA GLN F 47 13.97 -17.04 -5.89
C GLN F 47 13.05 -18.01 -6.65
N LEU F 48 11.77 -18.01 -6.31
CA LEU F 48 10.85 -19.03 -6.80
C LEU F 48 10.29 -18.72 -8.19
N TRP F 49 10.14 -17.43 -8.50
CA TRP F 49 9.47 -17.02 -9.74
C TRP F 49 10.10 -17.59 -11.01
N ASP F 50 11.39 -17.34 -11.20
CA ASP F 50 12.09 -17.75 -12.41
C ASP F 50 12.02 -19.25 -12.65
N VAL F 51 12.18 -20.03 -11.58
CA VAL F 51 12.10 -21.48 -11.67
C VAL F 51 10.67 -21.92 -11.95
N LEU F 52 9.71 -21.26 -11.29
CA LEU F 52 8.29 -21.52 -11.49
C LEU F 52 7.90 -21.36 -12.95
N LEU F 53 8.52 -20.38 -13.61
CA LEU F 53 8.25 -20.13 -15.01
C LEU F 53 9.02 -21.11 -15.90
N SER F 54 10.25 -21.42 -15.50
CA SER F 54 11.08 -22.36 -16.24
C SER F 54 10.49 -23.77 -16.21
N ARG F 55 10.04 -24.20 -15.03
CA ARG F 55 9.45 -25.52 -14.86
C ARG F 55 8.03 -25.60 -15.39
N GLU F 56 7.53 -24.47 -15.89
CA GLU F 56 6.22 -24.41 -16.54
C GLU F 56 5.08 -24.84 -15.61
N LEU F 57 5.20 -24.51 -14.33
CA LEU F 57 4.16 -24.86 -13.36
C LEU F 57 3.02 -23.85 -13.41
N PHE F 58 3.36 -22.57 -13.54
CA PHE F 58 2.36 -21.52 -13.68
C PHE F 58 2.55 -20.74 -14.97
N ARG F 59 1.43 -20.27 -15.54
CA ARG F 59 1.49 -19.36 -16.67
C ARG F 59 1.85 -17.97 -16.17
N PRO F 60 2.54 -17.18 -17.00
CA PRO F 60 3.02 -15.83 -16.63
C PRO F 60 1.91 -14.92 -16.11
N HIS F 61 0.72 -15.04 -16.69
CA HIS F 61 -0.44 -14.28 -16.24
C HIS F 61 -0.75 -14.60 -14.79
N MET F 62 -0.82 -15.89 -14.49
CA MET F 62 -1.12 -16.37 -13.14
C MET F 62 -0.07 -15.92 -12.13
N ILE F 63 1.20 -16.05 -12.48
CA ILE F 63 2.29 -15.58 -11.61
C ILE F 63 2.15 -14.08 -11.35
N GLU F 64 1.86 -13.34 -12.43
CA GLU F 64 1.63 -11.90 -12.35
C GLU F 64 0.52 -11.58 -11.37
N ASP F 65 -0.48 -12.47 -11.29
CA ASP F 65 -1.56 -12.29 -10.31
C ASP F 65 -1.16 -12.71 -8.90
N ILE F 66 -0.28 -13.71 -8.81
CA ILE F 66 0.20 -14.18 -7.51
C ILE F 66 0.98 -13.08 -6.81
N GLN F 67 1.87 -12.44 -7.55
CA GLN F 67 2.69 -11.37 -7.00
C GLN F 67 1.87 -10.18 -6.51
N ARG F 68 0.69 -10.00 -7.10
CA ARG F 68 -0.13 -8.82 -6.81
C ARG F 68 -1.30 -9.12 -5.90
N ALA F 69 -1.32 -10.33 -5.33
CA ALA F 69 -2.41 -10.72 -4.44
C ALA F 69 -2.26 -10.10 -3.06
N GLY F 70 -3.35 -9.55 -2.54
CA GLY F 70 -3.36 -8.98 -1.21
C GLY F 70 -2.63 -7.65 -1.12
N SER F 71 -1.49 -7.65 -0.43
CA SER F 71 -0.75 -6.42 -0.18
C SER F 71 0.68 -6.50 -0.72
N GLY F 72 0.98 -7.60 -1.39
CA GLY F 72 2.33 -7.84 -1.86
C GLY F 72 3.14 -8.54 -0.79
N SER F 73 2.54 -8.64 0.40
CA SER F 73 3.15 -9.36 1.51
C SER F 73 3.48 -10.78 1.09
N ARG F 74 4.74 -11.17 1.31
CA ARG F 74 5.22 -12.51 0.98
C ARG F 74 4.27 -13.59 1.50
N ARG F 75 3.68 -13.31 2.66
CA ARG F 75 2.68 -14.18 3.28
C ARG F 75 1.51 -14.48 2.34
N ASP F 76 0.78 -13.43 1.96
CA ASP F 76 -0.42 -13.60 1.13
C ASP F 76 -0.08 -13.94 -0.32
N GLN F 77 1.14 -13.59 -0.75
CA GLN F 77 1.63 -14.08 -2.03
C GLN F 77 1.71 -15.60 -1.99
N ALA F 78 2.26 -16.11 -0.89
CA ALA F 78 2.33 -17.55 -0.67
C ALA F 78 0.93 -18.15 -0.63
N ARG F 79 0.03 -17.46 0.06
CA ARG F 79 -1.35 -17.94 0.19
C ARG F 79 -1.99 -18.12 -1.18
N GLN F 80 -1.97 -17.06 -1.98
CA GLN F 80 -2.55 -17.10 -3.31
C GLN F 80 -1.83 -18.11 -4.20
N LEU F 81 -0.55 -18.32 -3.93
CA LEU F 81 0.22 -19.30 -4.69
C LEU F 81 -0.32 -20.70 -4.45
N ILE F 82 -0.46 -21.08 -3.18
CA ILE F 82 -0.95 -22.42 -2.86
C ILE F 82 -2.44 -22.55 -3.15
N ILE F 83 -3.14 -21.44 -3.28
CA ILE F 83 -4.53 -21.46 -3.71
C ILE F 83 -4.60 -21.76 -5.21
N ASP F 84 -3.82 -21.04 -6.00
CA ASP F 84 -3.78 -21.22 -7.45
C ASP F 84 -3.13 -22.53 -7.84
N LEU F 85 -2.42 -23.15 -6.90
CA LEU F 85 -1.78 -24.42 -7.15
C LEU F 85 -2.81 -25.53 -7.36
N GLU F 86 -4.00 -25.32 -6.82
CA GLU F 86 -5.07 -26.33 -6.88
C GLU F 86 -5.70 -26.42 -8.27
N THR F 87 -5.35 -25.49 -9.15
CA THR F 87 -5.86 -25.53 -10.52
C THR F 87 -4.72 -25.72 -11.51
N ARG F 88 -3.86 -26.69 -11.25
CA ARG F 88 -2.69 -26.93 -12.08
C ARG F 88 -2.41 -28.41 -12.35
N GLY F 89 -3.43 -29.24 -12.21
CA GLY F 89 -3.32 -30.63 -12.57
C GLY F 89 -2.84 -31.56 -11.47
N SER F 90 -2.74 -32.85 -11.79
CA SER F 90 -2.38 -33.87 -10.82
C SER F 90 -0.87 -34.00 -10.63
N GLN F 91 -0.10 -33.22 -11.39
CA GLN F 91 1.35 -33.24 -11.28
C GLN F 91 1.86 -31.96 -10.61
N ALA F 92 0.94 -31.19 -10.06
CA ALA F 92 1.26 -29.89 -9.48
C ALA F 92 2.18 -29.99 -8.26
N LEU F 93 1.82 -30.87 -7.32
CA LEU F 93 2.58 -31.01 -6.08
C LEU F 93 4.01 -31.51 -6.28
N PRO F 94 4.23 -32.56 -7.10
CA PRO F 94 5.63 -32.96 -7.28
C PRO F 94 6.49 -31.86 -7.91
N LEU F 95 5.96 -31.22 -8.95
CA LEU F 95 6.67 -30.18 -9.66
C LEU F 95 6.97 -28.99 -8.73
N PHE F 96 5.98 -28.63 -7.92
CA PHE F 96 6.13 -27.55 -6.96
C PHE F 96 7.19 -27.88 -5.92
N ILE F 97 7.12 -29.09 -5.38
CA ILE F 97 8.11 -29.55 -4.39
C ILE F 97 9.51 -29.51 -4.98
N SER F 98 9.64 -29.89 -6.26
CA SER F 98 10.92 -29.81 -6.95
C SER F 98 11.40 -28.37 -7.06
N CYS F 99 10.46 -27.47 -7.35
CA CYS F 99 10.76 -26.04 -7.39
C CYS F 99 11.27 -25.55 -6.04
N LEU F 100 10.70 -26.11 -4.97
CA LEU F 100 11.18 -25.83 -3.61
C LEU F 100 12.59 -26.34 -3.44
N GLU F 101 12.85 -27.54 -3.97
CA GLU F 101 14.14 -28.19 -3.83
C GLU F 101 15.27 -27.39 -4.48
N ASP F 102 15.11 -27.02 -5.75
CA ASP F 102 16.19 -26.36 -6.46
C ASP F 102 16.25 -24.85 -6.20
N THR F 103 15.53 -24.41 -5.17
CA THR F 103 15.65 -23.02 -4.71
C THR F 103 16.11 -23.00 -3.25
N GLY F 104 16.60 -24.14 -2.78
CA GLY F 104 17.22 -24.23 -1.47
C GLY F 104 16.26 -24.31 -0.30
N GLN F 105 15.01 -24.64 -0.57
CA GLN F 105 14.02 -24.80 0.50
C GLN F 105 13.83 -26.28 0.81
N ASP F 106 14.84 -26.88 1.44
CA ASP F 106 14.92 -28.33 1.61
C ASP F 106 13.89 -28.90 2.59
N MET F 107 13.86 -28.35 3.79
CA MET F 107 13.01 -28.89 4.87
C MET F 107 11.53 -28.85 4.50
N LEU F 108 11.09 -27.74 3.88
CA LEU F 108 9.71 -27.61 3.45
C LEU F 108 9.36 -28.69 2.44
N ALA F 109 10.28 -28.89 1.48
CA ALA F 109 10.12 -29.92 0.47
C ALA F 109 9.97 -31.30 1.12
N SER F 110 10.87 -31.63 2.03
CA SER F 110 10.83 -32.92 2.71
C SER F 110 9.54 -33.11 3.50
N PHE F 111 9.08 -32.04 4.14
CA PHE F 111 7.83 -32.08 4.91
C PHE F 111 6.65 -32.40 4.00
N LEU F 112 6.52 -31.64 2.92
CA LEU F 112 5.42 -31.85 1.98
C LEU F 112 5.45 -33.24 1.36
N ARG F 113 6.64 -33.66 0.93
CA ARG F 113 6.83 -34.99 0.34
C ARG F 113 6.39 -36.09 1.31
N THR F 114 6.90 -36.00 2.54
CA THR F 114 6.59 -37.00 3.56
C THR F 114 5.11 -37.08 3.88
N ASN F 115 4.52 -35.92 4.20
CA ASN F 115 3.08 -35.89 4.52
C ASN F 115 2.22 -36.38 3.36
N ARG F 116 2.64 -36.06 2.14
CA ARG F 116 1.91 -36.48 0.95
C ARG F 116 1.94 -38.00 0.77
N GLN F 117 3.14 -38.56 0.82
CA GLN F 117 3.30 -40.01 0.68
C GLN F 117 2.55 -40.75 1.79
N ALA F 118 2.64 -40.23 3.01
CA ALA F 118 1.92 -40.80 4.15
C ALA F 118 0.42 -40.76 3.91
N ALA F 119 -0.06 -39.66 3.35
CA ALA F 119 -1.47 -39.50 3.04
C ALA F 119 -1.92 -40.52 1.99
N LYS F 120 -1.10 -40.72 0.98
CA LYS F 120 -1.37 -41.72 -0.05
C LYS F 120 -1.45 -43.12 0.55
N LEU F 121 -0.49 -43.43 1.41
CA LEU F 121 -0.40 -44.77 2.00
C LEU F 121 -1.52 -45.05 3.00
N SER F 122 -2.01 -44.00 3.66
CA SER F 122 -3.01 -44.17 4.72
C SER F 122 -4.39 -44.54 4.17
N LYS F 123 -4.72 -44.02 2.99
CA LYS F 123 -6.01 -44.33 2.37
C LYS F 123 -5.92 -45.59 1.52
N PRO F 124 -6.64 -46.65 1.92
CA PRO F 124 -6.62 -47.95 1.24
C PRO F 124 -7.06 -47.87 -0.22
I IOD G . -3.53 6.61 1.63
I IOD H . -0.69 9.03 -1.14
I IOD I . -4.24 5.19 31.90
I IOD J . 4.22 14.33 22.94
I IOD K . -10.80 11.63 24.21
I IOD L . -2.55 17.18 18.89
I IOD M . 10.10 32.86 -13.34
I IOD N . 18.37 18.36 -20.78
I IOD O . -8.53 -8.60 6.80
I IOD P . 5.80 -36.19 -3.98
I IOD Q . 9.13 -26.75 7.34
#